data_8A1O
#
_entry.id   8A1O
#
_cell.length_a   76.870
_cell.length_b   93.000
_cell.length_c   61.400
_cell.angle_alpha   90.000
_cell.angle_beta   90.000
_cell.angle_gamma   90.000
#
_symmetry.space_group_name_H-M   'P 21 21 2'
#
loop_
_entity.id
_entity.type
_entity.pdbx_description
1 polymer 'L,D-transpeptidase 2'
2 non-polymer 'DIMETHYL SULFOXIDE'
3 non-polymer GLYCEROL
4 non-polymer 1,2-ETHANEDIOL
5 non-polymer (E)-3-chloranyl-3-[(2-chlorophenyl)methylsulfonyl]-N-(5-methoxypyridin-2-yl)prop-2-enamide
6 non-polymer 'SODIUM ION'
7 non-polymer 'CHLORIDE ION'
8 water water
#
_entity_poly.entity_id   1
_entity_poly.type   'polypeptide(L)'
_entity_poly.pdbx_seq_one_letter_code
;QSDLLVPKLTASVTDGAVGVTVDAPVSVTAADGVLAAVTMVNDNGRPVAGRLSPDGLRWSTTEQLGYNRRYTLNATALGL
GGAATRQLTFQTSSPAHLTMPYVMPGDGEVVGVGEPVAIRFDENIADRGAAEKAIKITTNPPVEGAFYWLNNREVRWRPE
HFWKPGTAVDVAVNTYGVDLGEGMFGEDNVQTHFTIGDEVIATADDNTKILTVRVNGEVVKSMPTSMGKDSTPTANGIYI
VGSRYKHIIMDSSTYGVPVNSPNGYRTDVDWATQISYSGVFVHSAPWSVGAQGHTNTSHGCLNVSPSNAQWFYDHVKRGD
IVEVVNTVGGTLPGIDGLGDWNIPWDQWRAGNAKA
;
_entity_poly.pdbx_strand_id   A
#
loop_
_chem_comp.id
_chem_comp.type
_chem_comp.name
_chem_comp.formula
CL non-polymer 'CHLORIDE ION' 'Cl -1'
DMS non-polymer 'DIMETHYL SULFOXIDE' 'C2 H6 O S'
EDO non-polymer 1,2-ETHANEDIOL 'C2 H6 O2'
GOL non-polymer GLYCEROL 'C3 H8 O3'
KTI non-polymer (E)-3-chloranyl-3-[(2-chlorophenyl)methylsulfonyl]-N-(5-methoxypyridin-2-yl)prop-2-enamide 'C16 H14 Cl2 N2 O4 S'
NA non-polymer 'SODIUM ION' 'Na 1'
#
# COMPACT_ATOMS: atom_id res chain seq x y z
N LEU A 4 46.06 -0.16 31.83
CA LEU A 4 45.33 1.00 32.29
C LEU A 4 44.71 1.75 31.12
N LEU A 5 43.97 1.03 30.27
CA LEU A 5 43.31 1.64 29.14
C LEU A 5 42.11 2.48 29.59
N VAL A 6 41.99 3.69 29.06
CA VAL A 6 40.85 4.56 29.35
C VAL A 6 39.65 4.05 28.54
N PRO A 7 38.43 4.19 29.02
CA PRO A 7 37.28 3.71 28.25
C PRO A 7 37.13 4.50 26.96
N LYS A 8 36.66 3.82 25.91
CA LYS A 8 36.45 4.41 24.60
C LYS A 8 34.96 4.43 24.28
N LEU A 9 34.51 5.56 23.76
CA LEU A 9 33.09 5.77 23.45
C LEU A 9 32.90 5.92 21.95
N THR A 10 31.92 5.23 21.41
CA THR A 10 31.58 5.23 19.98
C THR A 10 30.14 5.66 19.82
N ALA A 11 29.91 6.62 18.93
CA ALA A 11 28.56 7.11 18.72
C ALA A 11 28.14 6.82 17.30
N SER A 12 26.83 6.77 17.07
CA SER A 12 26.29 6.58 15.74
C SER A 12 26.15 7.88 14.99
N VAL A 13 26.64 8.99 15.57
CA VAL A 13 26.58 10.32 14.97
C VAL A 13 27.95 10.96 15.11
N THR A 14 28.16 12.04 14.37
CA THR A 14 29.43 12.75 14.35
C THR A 14 29.22 14.18 14.79
N ASP A 15 30.17 14.72 15.56
CA ASP A 15 30.10 16.11 15.97
C ASP A 15 30.13 17.02 14.75
N GLY A 16 29.13 17.91 14.66
CA GLY A 16 29.05 18.85 13.57
C GLY A 16 28.35 18.33 12.32
N ALA A 17 27.86 17.10 12.37
CA ALA A 17 27.13 16.54 11.25
C ALA A 17 25.84 17.33 11.01
N VAL A 18 25.46 17.44 9.74
CA VAL A 18 24.23 18.11 9.37
C VAL A 18 23.42 17.16 8.47
N GLY A 19 22.14 17.47 8.32
CA GLY A 19 21.31 16.61 7.51
C GLY A 19 21.18 15.20 8.02
N VAL A 20 21.35 14.99 9.33
CA VAL A 20 21.24 13.68 9.92
C VAL A 20 19.79 13.23 9.81
N THR A 21 19.59 12.05 9.22
CA THR A 21 18.25 11.54 9.00
C THR A 21 17.68 10.97 10.30
N VAL A 22 16.40 11.19 10.51
CA VAL A 22 15.72 10.77 11.74
C VAL A 22 14.99 9.44 11.55
N ASP A 23 15.35 8.67 10.52
CA ASP A 23 14.82 7.33 10.32
C ASP A 23 15.51 6.27 11.18
N ALA A 24 16.42 6.66 12.05
CA ALA A 24 17.16 5.73 12.87
C ALA A 24 17.40 6.33 14.25
N PRO A 25 17.44 5.50 15.29
CA PRO A 25 17.81 6.00 16.61
C PRO A 25 19.30 6.31 16.68
N VAL A 26 19.66 7.13 17.63
CA VAL A 26 21.06 7.48 17.87
C VAL A 26 21.53 6.65 19.05
N SER A 27 22.75 6.08 18.94
CA SER A 27 23.27 5.23 19.98
C SER A 27 24.69 5.64 20.37
N VAL A 28 25.09 5.22 21.57
CA VAL A 28 26.45 5.38 22.05
C VAL A 28 26.87 4.06 22.64
N THR A 29 28.07 3.61 22.31
CA THR A 29 28.62 2.35 22.79
C THR A 29 29.91 2.60 23.55
N ALA A 30 30.15 1.83 24.60
CA ALA A 30 31.36 1.94 25.41
C ALA A 30 32.19 0.68 25.27
N ALA A 31 33.52 0.85 25.27
CA ALA A 31 34.47 -0.24 25.29
C ALA A 31 35.48 0.03 26.40
N ASP A 32 36.03 -1.05 26.97
CA ASP A 32 36.97 -0.93 28.09
C ASP A 32 36.34 -0.13 29.22
N GLY A 33 35.05 -0.28 29.38
CA GLY A 33 34.34 0.41 30.44
C GLY A 33 32.86 0.37 30.16
N VAL A 34 32.09 1.05 31.01
CA VAL A 34 30.64 1.07 30.90
C VAL A 34 30.15 2.51 30.89
N LEU A 35 28.96 2.71 30.32
CA LEU A 35 28.36 4.04 30.26
C LEU A 35 27.74 4.37 31.63
N ALA A 36 28.20 5.47 32.23
CA ALA A 36 27.65 5.90 33.51
C ALA A 36 26.45 6.80 33.32
N ALA A 37 26.43 7.60 32.26
CA ALA A 37 25.33 8.52 32.00
C ALA A 37 25.42 8.96 30.56
N VAL A 38 24.26 9.02 29.90
CA VAL A 38 24.15 9.50 28.54
C VAL A 38 22.89 10.36 28.47
N THR A 39 23.00 11.54 27.89
CA THR A 39 21.88 12.44 27.73
C THR A 39 21.92 13.06 26.33
N MET A 40 20.74 13.39 25.80
N MET A 40 20.73 13.36 25.79
CA MET A 40 20.65 14.09 24.52
CA MET A 40 20.63 14.06 24.52
C MET A 40 19.48 15.03 24.58
C MET A 40 19.48 15.05 24.65
N VAL A 41 19.72 16.29 24.26
CA VAL A 41 18.71 17.34 24.36
C VAL A 41 18.71 18.14 23.06
N ASN A 42 17.54 18.69 22.71
CA ASN A 42 17.44 19.47 21.49
C ASN A 42 17.83 20.92 21.79
N ASP A 43 17.68 21.78 20.78
CA ASP A 43 18.04 23.19 20.92
C ASP A 43 17.24 23.90 22.00
N ASN A 44 16.07 23.39 22.37
CA ASN A 44 15.25 23.99 23.43
C ASN A 44 15.54 23.42 24.82
N GLY A 45 16.55 22.56 24.94
CA GLY A 45 16.84 21.94 26.21
C GLY A 45 16.00 20.73 26.57
N ARG A 46 15.10 20.31 25.69
N ARG A 46 15.11 20.31 25.69
CA ARG A 46 14.22 19.19 25.97
CA ARG A 46 14.23 19.19 25.99
C ARG A 46 14.96 17.88 25.73
C ARG A 46 14.94 17.88 25.72
N PRO A 47 14.94 16.94 26.67
CA PRO A 47 15.70 15.70 26.48
C PRO A 47 14.97 14.72 25.57
N VAL A 48 15.75 13.87 24.91
CA VAL A 48 15.23 12.79 24.09
C VAL A 48 15.27 11.51 24.93
N ALA A 49 14.13 10.83 25.03
CA ALA A 49 14.08 9.58 25.79
C ALA A 49 15.09 8.57 25.24
N GLY A 50 15.80 7.88 26.15
CA GLY A 50 16.71 6.82 25.76
C GLY A 50 16.78 5.78 26.86
N ARG A 51 17.43 4.66 26.54
CA ARG A 51 17.59 3.59 27.52
C ARG A 51 19.01 3.03 27.47
N LEU A 52 19.62 2.88 28.65
CA LEU A 52 20.88 2.18 28.78
C LEU A 52 20.66 0.68 28.91
N SER A 53 21.46 -0.09 28.18
CA SER A 53 21.32 -1.54 28.19
C SER A 53 21.76 -2.11 29.55
N PRO A 54 21.24 -3.26 29.92
CA PRO A 54 21.56 -3.82 31.25
C PRO A 54 23.05 -3.94 31.51
N ASP A 55 23.85 -4.33 30.53
CA ASP A 55 25.29 -4.49 30.75
C ASP A 55 26.03 -3.15 30.71
N GLY A 56 25.32 -2.05 30.48
CA GLY A 56 25.94 -0.75 30.49
C GLY A 56 26.80 -0.41 29.31
N LEU A 57 26.81 -1.24 28.28
CA LEU A 57 27.68 -1.00 27.13
C LEU A 57 27.01 -0.21 26.02
N ARG A 58 25.68 -0.16 25.98
CA ARG A 58 25.00 0.45 24.86
C ARG A 58 23.87 1.33 25.36
N TRP A 59 23.81 2.54 24.85
CA TRP A 59 22.69 3.46 25.07
C TRP A 59 22.09 3.79 23.72
N SER A 60 20.77 3.89 23.68
CA SER A 60 20.08 4.23 22.44
C SER A 60 18.87 5.09 22.75
N THR A 61 18.58 6.02 21.83
CA THR A 61 17.32 6.74 21.93
C THR A 61 16.16 5.78 21.70
N THR A 62 15.07 6.02 22.43
CA THR A 62 13.84 5.24 22.29
C THR A 62 12.69 6.10 21.77
N GLU A 63 12.96 7.35 21.43
CA GLU A 63 11.96 8.29 20.96
C GLU A 63 12.44 8.83 19.62
N GLN A 64 11.54 8.88 18.66
CA GLN A 64 11.91 9.38 17.33
C GLN A 64 12.34 10.84 17.44
N LEU A 65 13.45 11.15 16.75
CA LEU A 65 13.94 12.51 16.70
C LEU A 65 13.06 13.33 15.77
N GLY A 66 13.28 14.63 15.78
CA GLY A 66 12.49 15.56 14.99
C GLY A 66 13.29 16.23 13.91
N TYR A 67 12.60 16.80 12.92
CA TYR A 67 13.21 17.55 11.84
C TYR A 67 13.59 18.95 12.29
N ASN A 68 14.59 19.54 11.61
N ASN A 68 14.58 19.55 11.62
CA ASN A 68 15.05 20.91 11.81
CA ASN A 68 15.00 20.93 11.83
C ASN A 68 15.48 21.17 13.24
C ASN A 68 15.50 21.18 13.25
N ARG A 69 16.07 20.13 13.86
CA ARG A 69 16.52 20.21 15.25
C ARG A 69 18.04 20.14 15.36
N ARG A 70 18.54 20.67 16.46
CA ARG A 70 19.96 20.60 16.81
C ARG A 70 20.03 19.84 18.11
N TYR A 71 20.69 18.68 18.09
CA TYR A 71 20.83 17.83 19.26
C TYR A 71 22.24 17.88 19.82
N THR A 72 22.33 17.91 21.14
CA THR A 72 23.60 17.85 21.86
C THR A 72 23.63 16.56 22.67
N LEU A 73 24.61 15.71 22.38
CA LEU A 73 24.74 14.40 23.00
C LEU A 73 25.93 14.43 23.95
N ASN A 74 25.69 14.02 25.20
CA ASN A 74 26.72 13.95 26.23
C ASN A 74 26.79 12.53 26.77
N ALA A 75 27.99 11.98 26.83
CA ALA A 75 28.16 10.62 27.34
C ALA A 75 29.38 10.57 28.24
N THR A 76 29.28 9.77 29.28
CA THR A 76 30.36 9.53 30.21
C THR A 76 30.49 8.03 30.43
N ALA A 77 31.73 7.52 30.34
CA ALA A 77 32.03 6.12 30.57
C ALA A 77 33.06 6.00 31.69
N LEU A 78 32.88 5.01 32.54
CA LEU A 78 33.80 4.69 33.61
C LEU A 78 34.31 3.28 33.43
N GLY A 79 35.63 3.10 33.59
CA GLY A 79 36.23 1.79 33.50
C GLY A 79 37.28 1.60 34.58
N LEU A 80 37.76 0.36 34.68
CA LEU A 80 38.83 0.07 35.64
C LEU A 80 40.05 0.94 35.38
N GLY A 81 40.23 1.41 34.15
CA GLY A 81 41.36 2.22 33.77
C GLY A 81 41.15 3.71 33.85
N GLY A 82 39.97 4.18 34.17
CA GLY A 82 39.71 5.60 34.32
C GLY A 82 38.35 5.98 33.77
N ALA A 83 38.21 7.25 33.42
CA ALA A 83 36.95 7.81 32.96
C ALA A 83 37.14 8.53 31.64
N ALA A 84 36.05 8.66 30.90
CA ALA A 84 36.07 9.37 29.63
C ALA A 84 34.70 9.99 29.37
N THR A 85 34.69 11.15 28.73
N THR A 85 34.70 11.15 28.72
CA THR A 85 33.46 11.85 28.41
CA THR A 85 33.46 11.85 28.41
C THR A 85 33.58 12.44 27.01
C THR A 85 33.58 12.44 27.01
N ARG A 86 32.44 12.53 26.33
CA ARG A 86 32.38 13.14 25.01
C ARG A 86 31.11 13.95 24.89
N GLN A 87 31.19 15.03 24.10
CA GLN A 87 30.06 15.86 23.74
C GLN A 87 30.02 16.01 22.22
N LEU A 88 28.86 15.75 21.64
CA LEU A 88 28.66 15.79 20.21
C LEU A 88 27.38 16.59 19.93
N THR A 89 27.45 17.48 18.95
CA THR A 89 26.29 18.23 18.49
C THR A 89 26.08 18.00 17.01
N PHE A 90 24.83 17.88 16.59
CA PHE A 90 24.51 17.62 15.21
C PHE A 90 23.12 18.16 14.91
N GLN A 91 22.83 18.31 13.61
CA GLN A 91 21.56 18.84 13.14
C GLN A 91 20.88 17.85 12.20
N THR A 92 19.56 17.71 12.33
CA THR A 92 18.78 16.74 11.57
C THR A 92 18.22 17.36 10.27
N SER A 93 17.65 16.49 9.44
CA SER A 93 17.13 16.89 8.13
C SER A 93 16.12 18.01 8.29
N SER A 94 16.12 18.91 7.29
N SER A 94 16.12 18.91 7.29
CA SER A 94 15.18 20.03 7.20
CA SER A 94 15.18 20.03 7.20
C SER A 94 14.34 19.85 5.94
C SER A 94 14.34 19.85 5.94
N PRO A 95 13.26 19.07 6.01
CA PRO A 95 12.48 18.82 4.80
C PRO A 95 11.91 20.09 4.22
N ALA A 96 11.80 20.10 2.89
CA ALA A 96 11.01 21.14 2.23
C ALA A 96 9.51 20.83 2.34
N HIS A 97 9.15 19.55 2.40
N HIS A 97 9.16 19.55 2.34
CA HIS A 97 7.75 19.17 2.55
CA HIS A 97 7.77 19.13 2.46
C HIS A 97 7.71 17.74 3.03
C HIS A 97 7.76 17.76 3.14
N LEU A 98 6.62 17.41 3.73
CA LEU A 98 6.40 16.07 4.22
C LEU A 98 5.27 15.41 3.43
N THR A 99 5.29 14.08 3.38
CA THR A 99 4.27 13.30 2.70
C THR A 99 3.83 12.15 3.59
N MET A 100 2.54 11.92 3.67
CA MET A 100 1.93 10.89 4.50
C MET A 100 1.61 9.68 3.65
N PRO A 101 2.02 8.49 4.05
CA PRO A 101 1.61 7.27 3.34
C PRO A 101 0.29 6.71 3.86
N TYR A 102 -0.42 6.05 2.95
CA TYR A 102 -1.66 5.36 3.27
C TYR A 102 -1.60 3.97 2.68
N VAL A 103 -1.93 2.96 3.48
CA VAL A 103 -1.72 1.58 3.10
C VAL A 103 -3.09 0.90 2.94
N MET A 104 -3.24 0.11 1.88
CA MET A 104 -4.39 -0.77 1.69
C MET A 104 -3.86 -2.16 1.38
N PRO A 105 -4.60 -3.22 1.80
CA PRO A 105 -5.90 -3.16 2.49
C PRO A 105 -5.76 -2.80 3.96
N GLY A 106 -6.88 -2.74 4.67
CA GLY A 106 -6.84 -2.30 6.04
C GLY A 106 -6.25 -3.35 6.94
N ASP A 107 -5.80 -2.90 8.10
CA ASP A 107 -5.17 -3.78 9.05
C ASP A 107 -6.17 -4.81 9.56
N GLY A 108 -5.73 -6.07 9.61
CA GLY A 108 -6.55 -7.15 10.12
C GLY A 108 -7.55 -7.69 9.13
N GLU A 109 -7.57 -7.17 7.91
CA GLU A 109 -8.54 -7.59 6.92
C GLU A 109 -8.19 -8.96 6.34
N VAL A 110 -9.22 -9.65 5.87
CA VAL A 110 -9.09 -10.89 5.13
C VAL A 110 -9.50 -10.58 3.70
N VAL A 111 -8.57 -10.77 2.77
CA VAL A 111 -8.77 -10.33 1.40
C VAL A 111 -8.59 -11.51 0.47
N GLY A 112 -9.02 -11.32 -0.81
CA GLY A 112 -8.87 -12.37 -1.80
C GLY A 112 -7.46 -12.47 -2.40
N VAL A 113 -7.29 -13.47 -3.25
CA VAL A 113 -5.97 -13.87 -3.71
C VAL A 113 -5.40 -12.90 -4.71
N GLY A 114 -6.16 -11.92 -5.14
CA GLY A 114 -5.74 -10.93 -6.10
C GLY A 114 -5.38 -9.62 -5.47
N GLU A 115 -5.56 -9.46 -4.16
CA GLU A 115 -5.30 -8.17 -3.52
C GLU A 115 -3.81 -7.78 -3.51
N PRO A 116 -3.40 -6.73 -4.19
CA PRO A 116 -2.03 -6.25 -4.01
C PRO A 116 -1.89 -5.44 -2.74
N VAL A 117 -0.64 -5.34 -2.27
CA VAL A 117 -0.28 -4.33 -1.28
C VAL A 117 -0.21 -2.97 -1.99
N ALA A 118 -0.85 -1.95 -1.42
CA ALA A 118 -0.83 -0.61 -1.99
C ALA A 118 -0.33 0.39 -0.95
N ILE A 119 0.62 1.24 -1.37
CA ILE A 119 1.11 2.32 -0.52
C ILE A 119 0.94 3.59 -1.31
N ARG A 120 -0.01 4.44 -0.91
CA ARG A 120 -0.35 5.68 -1.61
C ARG A 120 0.08 6.86 -0.75
N PHE A 121 0.90 7.75 -1.34
CA PHE A 121 1.38 8.95 -0.68
C PHE A 121 0.50 10.12 -1.08
N ASP A 122 0.50 11.18 -0.27
CA ASP A 122 -0.27 12.37 -0.58
C ASP A 122 0.53 13.43 -1.30
N GLU A 123 1.72 13.07 -1.79
CA GLU A 123 2.54 13.94 -2.60
C GLU A 123 3.25 13.09 -3.64
N ASN A 124 3.72 13.75 -4.71
CA ASN A 124 4.53 13.08 -5.72
C ASN A 124 5.83 12.60 -5.08
N ILE A 125 6.29 11.43 -5.52
CA ILE A 125 7.47 10.80 -4.98
C ILE A 125 8.55 10.90 -6.04
N ALA A 126 9.58 11.70 -5.76
CA ALA A 126 10.62 11.91 -6.76
C ALA A 126 11.63 10.77 -6.76
N ASP A 127 11.83 10.14 -5.61
CA ASP A 127 12.83 9.08 -5.45
C ASP A 127 12.05 7.80 -5.15
N ARG A 128 11.53 7.18 -6.22
CA ARG A 128 10.73 5.97 -6.05
C ARG A 128 11.56 4.87 -5.41
N GLY A 129 12.83 4.77 -5.78
CA GLY A 129 13.68 3.76 -5.17
C GLY A 129 13.83 3.91 -3.67
N ALA A 130 13.92 5.16 -3.19
CA ALA A 130 13.99 5.39 -1.76
C ALA A 130 12.73 4.90 -1.08
N ALA A 131 11.57 5.21 -1.67
CA ALA A 131 10.31 4.71 -1.13
C ALA A 131 10.29 3.19 -1.06
N GLU A 132 10.60 2.51 -2.16
CA GLU A 132 10.56 1.06 -2.18
C GLU A 132 11.47 0.48 -1.12
N LYS A 133 12.63 1.09 -0.89
CA LYS A 133 13.59 0.53 0.05
C LYS A 133 13.10 0.69 1.47
N ALA A 134 12.28 1.69 1.72
CA ALA A 134 11.77 1.96 3.06
C ALA A 134 10.53 1.15 3.40
N ILE A 135 10.02 0.36 2.47
CA ILE A 135 8.81 -0.43 2.67
C ILE A 135 9.22 -1.89 2.79
N LYS A 136 8.97 -2.50 3.95
CA LYS A 136 9.39 -3.86 4.25
C LYS A 136 8.16 -4.76 4.23
N ILE A 137 8.14 -5.71 3.30
CA ILE A 137 7.03 -6.64 3.11
C ILE A 137 7.45 -8.02 3.64
N THR A 138 6.64 -8.59 4.51
CA THR A 138 6.88 -9.94 5.01
C THR A 138 5.69 -10.80 4.60
N THR A 139 5.99 -12.00 4.07
CA THR A 139 4.97 -12.94 3.65
C THR A 139 5.23 -14.28 4.31
N ASN A 140 4.14 -14.95 4.72
CA ASN A 140 4.24 -16.26 5.35
C ASN A 140 3.00 -17.07 5.00
N PRO A 141 3.14 -18.14 4.19
CA PRO A 141 4.39 -18.67 3.59
C PRO A 141 5.08 -17.65 2.68
N PRO A 142 6.41 -17.63 2.72
CA PRO A 142 7.12 -16.57 1.99
C PRO A 142 7.01 -16.79 0.49
N VAL A 143 6.73 -15.70 -0.23
CA VAL A 143 6.77 -15.68 -1.68
C VAL A 143 7.48 -14.40 -2.15
N GLU A 144 8.10 -14.49 -3.32
CA GLU A 144 8.74 -13.34 -3.94
C GLU A 144 7.70 -12.39 -4.51
N GLY A 145 7.95 -11.09 -4.36
CA GLY A 145 7.12 -10.05 -4.92
C GLY A 145 7.99 -8.89 -5.34
N ALA A 146 7.34 -7.84 -5.86
CA ALA A 146 8.06 -6.71 -6.41
C ALA A 146 7.11 -5.52 -6.47
N PHE A 147 7.72 -4.34 -6.43
CA PHE A 147 7.02 -3.06 -6.51
C PHE A 147 6.80 -2.61 -7.96
N TYR A 148 5.68 -1.93 -8.17
CA TYR A 148 5.38 -1.31 -9.45
C TYR A 148 4.47 -0.13 -9.21
N TRP A 149 4.80 1.00 -9.83
CA TRP A 149 4.11 2.26 -9.55
C TRP A 149 2.94 2.46 -10.53
N LEU A 150 1.76 2.70 -9.96
CA LEU A 150 0.62 3.01 -10.82
C LEU A 150 0.67 4.45 -11.29
N ASN A 151 1.31 5.31 -10.52
CA ASN A 151 1.40 6.72 -10.87
C ASN A 151 2.49 7.34 -9.98
N ASN A 152 2.51 8.67 -9.88
CA ASN A 152 3.56 9.32 -9.12
C ASN A 152 3.38 9.21 -7.60
N ARG A 153 2.24 8.72 -7.13
CA ARG A 153 1.96 8.72 -5.71
C ARG A 153 1.69 7.36 -5.11
N GLU A 154 1.41 6.35 -5.91
CA GLU A 154 0.96 5.07 -5.40
C GLU A 154 1.79 3.95 -5.99
N VAL A 155 2.36 3.14 -5.12
CA VAL A 155 3.14 1.98 -5.51
C VAL A 155 2.38 0.74 -5.06
N ARG A 156 2.51 -0.34 -5.83
CA ARG A 156 1.85 -1.62 -5.56
C ARG A 156 2.91 -2.69 -5.43
N TRP A 157 2.61 -3.74 -4.67
CA TRP A 157 3.48 -4.89 -4.46
C TRP A 157 2.64 -6.15 -4.52
N ARG A 158 3.10 -7.14 -5.29
CA ARG A 158 2.39 -8.40 -5.43
C ARG A 158 3.36 -9.45 -5.88
N PRO A 159 3.05 -10.75 -5.66
CA PRO A 159 3.88 -11.83 -6.19
C PRO A 159 3.56 -12.01 -7.67
N GLU A 160 4.19 -13.05 -8.25
CA GLU A 160 4.04 -13.35 -9.67
C GLU A 160 2.66 -13.94 -9.95
N HIS A 161 2.20 -14.86 -9.09
CA HIS A 161 0.88 -15.45 -9.21
C HIS A 161 -0.02 -15.04 -8.05
N PHE A 162 -1.31 -15.31 -8.21
CA PHE A 162 -2.25 -15.04 -7.13
C PHE A 162 -1.73 -15.58 -5.80
N TRP A 163 -2.04 -14.87 -4.73
CA TRP A 163 -1.72 -15.37 -3.41
C TRP A 163 -2.31 -16.76 -3.18
N LYS A 164 -1.66 -17.52 -2.29
CA LYS A 164 -2.20 -18.75 -1.74
C LYS A 164 -3.04 -18.44 -0.49
N PRO A 165 -4.24 -18.97 -0.37
CA PRO A 165 -5.00 -18.77 0.87
C PRO A 165 -4.16 -19.18 2.07
N GLY A 166 -4.43 -18.53 3.21
CA GLY A 166 -3.69 -18.77 4.43
C GLY A 166 -2.38 -18.02 4.55
N THR A 167 -2.11 -17.10 3.64
CA THR A 167 -0.86 -16.38 3.63
C THR A 167 -1.00 -15.12 4.48
N ALA A 168 -0.07 -14.91 5.39
CA ALA A 168 0.05 -13.67 6.15
C ALA A 168 0.88 -12.65 5.39
N VAL A 169 0.41 -11.42 5.33
CA VAL A 169 1.12 -10.33 4.68
C VAL A 169 1.33 -9.21 5.69
N ASP A 170 2.59 -8.83 5.90
CA ASP A 170 2.94 -7.75 6.83
C ASP A 170 3.57 -6.61 6.05
N VAL A 171 3.14 -5.38 6.32
CA VAL A 171 3.55 -4.21 5.56
C VAL A 171 4.06 -3.19 6.57
N ALA A 172 5.36 -2.94 6.56
CA ALA A 172 5.98 -1.92 7.41
C ALA A 172 6.47 -0.80 6.50
N VAL A 173 5.74 0.32 6.46
CA VAL A 173 6.14 1.48 5.68
C VAL A 173 6.96 2.38 6.60
N ASN A 174 8.27 2.27 6.51
CA ASN A 174 9.17 2.96 7.44
C ASN A 174 9.73 4.22 6.80
N THR A 175 8.84 5.14 6.47
CA THR A 175 9.20 6.32 5.69
C THR A 175 9.56 7.54 6.54
N TYR A 176 9.28 7.50 7.82
CA TYR A 176 9.62 8.64 8.65
C TYR A 176 11.12 8.86 8.65
N GLY A 177 11.52 10.09 8.35
CA GLY A 177 12.92 10.44 8.26
C GLY A 177 13.57 10.10 6.94
N VAL A 178 12.87 9.42 6.06
CA VAL A 178 13.45 9.00 4.78
C VAL A 178 13.32 10.13 3.78
N ASP A 179 14.43 10.46 3.12
CA ASP A 179 14.46 11.45 2.04
C ASP A 179 13.88 10.78 0.79
N LEU A 180 12.69 11.21 0.40
CA LEU A 180 12.02 10.64 -0.75
C LEU A 180 12.20 11.48 -2.00
N GLY A 181 13.14 12.39 -2.00
CA GLY A 181 13.53 13.15 -3.18
C GLY A 181 13.03 14.58 -3.15
N GLU A 182 13.89 15.50 -3.61
CA GLU A 182 13.51 16.90 -3.79
C GLU A 182 13.00 17.52 -2.49
N GLY A 183 13.64 17.17 -1.38
CA GLY A 183 13.26 17.70 -0.11
C GLY A 183 12.03 17.08 0.51
N MET A 184 11.35 16.17 -0.17
CA MET A 184 10.20 15.51 0.38
C MET A 184 10.66 14.42 1.35
N PHE A 185 10.15 14.45 2.58
CA PHE A 185 10.45 13.44 3.58
C PHE A 185 9.14 12.81 4.06
N GLY A 186 9.24 11.55 4.50
CA GLY A 186 8.13 10.84 5.09
C GLY A 186 7.56 11.49 6.33
N GLU A 187 6.26 11.68 6.38
CA GLU A 187 5.65 12.33 7.53
C GLU A 187 5.49 11.41 8.72
N ASP A 188 5.51 10.09 8.49
CA ASP A 188 5.23 9.13 9.55
C ASP A 188 5.51 7.73 9.04
N ASN A 189 5.50 6.77 9.95
CA ASN A 189 5.52 5.37 9.62
C ASN A 189 4.11 4.82 9.67
N VAL A 190 3.86 3.74 8.91
CA VAL A 190 2.58 3.04 8.89
C VAL A 190 2.85 1.55 8.97
N GLN A 191 2.03 0.83 9.73
CA GLN A 191 2.16 -0.62 9.95
C GLN A 191 0.81 -1.25 9.67
N THR A 192 0.77 -2.23 8.75
CA THR A 192 -0.46 -2.94 8.40
C THR A 192 -0.17 -4.42 8.24
N HIS A 193 -1.17 -5.24 8.52
CA HIS A 193 -1.07 -6.69 8.40
C HIS A 193 -2.42 -7.22 7.97
N PHE A 194 -2.42 -8.13 7.01
CA PHE A 194 -3.66 -8.74 6.54
C PHE A 194 -3.40 -10.19 6.14
N THR A 195 -4.50 -10.89 5.83
CA THR A 195 -4.44 -12.33 5.55
C THR A 195 -5.24 -12.64 4.31
N ILE A 196 -4.76 -13.60 3.53
CA ILE A 196 -5.41 -14.04 2.31
C ILE A 196 -6.37 -15.16 2.66
N GLY A 197 -7.63 -15.00 2.26
CA GLY A 197 -8.67 -15.97 2.50
C GLY A 197 -8.89 -16.88 1.31
N ASP A 198 -10.16 -17.29 1.12
CA ASP A 198 -10.49 -18.30 0.13
C ASP A 198 -10.18 -17.80 -1.29
N GLU A 199 -9.77 -18.72 -2.15
CA GLU A 199 -9.59 -18.42 -3.57
C GLU A 199 -10.97 -18.33 -4.23
N VAL A 200 -11.32 -17.15 -4.72
CA VAL A 200 -12.59 -16.89 -5.38
C VAL A 200 -12.28 -16.24 -6.71
N ILE A 201 -12.63 -16.91 -7.81
CA ILE A 201 -12.29 -16.46 -9.15
C ILE A 201 -13.55 -16.59 -10.00
N ALA A 202 -14.04 -15.47 -10.49
CA ALA A 202 -15.24 -15.42 -11.30
C ALA A 202 -14.81 -15.14 -12.73
N THR A 203 -15.34 -15.90 -13.69
CA THR A 203 -14.97 -15.78 -15.09
C THR A 203 -16.19 -15.41 -15.91
N ALA A 204 -16.15 -14.22 -16.55
CA ALA A 204 -17.18 -13.80 -17.49
C ALA A 204 -16.70 -14.07 -18.91
N ASP A 205 -17.36 -14.99 -19.60
CA ASP A 205 -16.95 -15.40 -20.94
C ASP A 205 -17.99 -14.85 -21.90
N ASP A 206 -17.57 -13.90 -22.74
CA ASP A 206 -18.49 -13.29 -23.69
C ASP A 206 -19.05 -14.28 -24.70
N ASN A 207 -18.37 -15.40 -24.93
CA ASN A 207 -18.90 -16.39 -25.86
C ASN A 207 -20.17 -17.02 -25.32
N THR A 208 -20.20 -17.31 -24.02
CA THR A 208 -21.41 -17.87 -23.40
C THR A 208 -22.25 -16.83 -22.69
N LYS A 209 -21.69 -15.66 -22.41
CA LYS A 209 -22.36 -14.64 -21.62
C LYS A 209 -22.84 -15.20 -20.28
N ILE A 210 -22.02 -16.06 -19.69
CA ILE A 210 -22.19 -16.57 -18.34
C ILE A 210 -21.01 -16.11 -17.47
N LEU A 211 -21.35 -15.71 -16.24
CA LEU A 211 -20.37 -15.40 -15.22
C LEU A 211 -20.33 -16.57 -14.24
N THR A 212 -19.21 -17.28 -14.20
CA THR A 212 -19.10 -18.51 -13.45
C THR A 212 -18.18 -18.28 -12.26
N VAL A 213 -18.70 -18.52 -11.06
CA VAL A 213 -17.96 -18.23 -9.82
C VAL A 213 -17.39 -19.53 -9.30
N ARG A 214 -16.06 -19.59 -9.17
CA ARG A 214 -15.37 -20.75 -8.63
C ARG A 214 -14.74 -20.38 -7.30
N VAL A 215 -15.05 -21.18 -6.28
CA VAL A 215 -14.52 -21.02 -4.93
C VAL A 215 -13.61 -22.20 -4.67
N ASN A 216 -12.30 -21.91 -4.55
CA ASN A 216 -11.31 -22.94 -4.34
C ASN A 216 -11.42 -24.05 -5.39
N GLY A 217 -11.65 -23.64 -6.63
CA GLY A 217 -11.65 -24.54 -7.77
C GLY A 217 -12.99 -25.15 -8.10
N GLU A 218 -13.98 -25.00 -7.24
CA GLU A 218 -15.29 -25.60 -7.43
C GLU A 218 -16.29 -24.55 -7.89
N VAL A 219 -17.04 -24.86 -8.96
CA VAL A 219 -18.08 -23.98 -9.44
C VAL A 219 -19.22 -23.99 -8.43
N VAL A 220 -19.53 -22.82 -7.86
CA VAL A 220 -20.60 -22.69 -6.88
C VAL A 220 -21.77 -21.91 -7.42
N LYS A 221 -21.59 -21.16 -8.49
CA LYS A 221 -22.66 -20.31 -8.99
C LYS A 221 -22.33 -19.95 -10.43
N SER A 222 -23.34 -20.01 -11.26
CA SER A 222 -23.32 -19.50 -12.62
C SER A 222 -24.47 -18.50 -12.77
N MET A 223 -24.19 -17.34 -13.38
CA MET A 223 -25.22 -16.33 -13.55
C MET A 223 -25.08 -15.70 -14.93
N PRO A 224 -26.19 -15.62 -15.69
CA PRO A 224 -26.12 -14.98 -17.01
C PRO A 224 -25.86 -13.50 -16.84
N THR A 225 -25.17 -12.92 -17.81
CA THR A 225 -24.72 -11.54 -17.72
C THR A 225 -24.88 -10.89 -19.08
N SER A 226 -25.00 -9.56 -19.06
CA SER A 226 -24.94 -8.73 -20.25
C SER A 226 -23.82 -7.73 -20.02
N MET A 227 -22.81 -7.77 -20.87
CA MET A 227 -21.65 -6.92 -20.74
C MET A 227 -21.75 -5.74 -21.72
N GLY A 228 -20.65 -5.01 -21.86
CA GLY A 228 -20.69 -3.79 -22.67
C GLY A 228 -21.08 -4.09 -24.11
N LYS A 229 -21.90 -3.20 -24.66
CA LYS A 229 -22.28 -3.32 -26.06
C LYS A 229 -21.06 -3.10 -26.95
N ASP A 230 -21.21 -3.45 -28.22
CA ASP A 230 -20.09 -3.45 -29.15
C ASP A 230 -19.42 -2.08 -29.21
N SER A 231 -20.21 -1.02 -29.14
CA SER A 231 -19.64 0.33 -29.21
C SER A 231 -18.95 0.74 -27.91
N THR A 232 -19.29 0.11 -26.79
CA THR A 232 -18.66 0.40 -25.49
C THR A 232 -18.40 -0.91 -24.77
N PRO A 233 -17.52 -1.74 -25.31
CA PRO A 233 -17.38 -3.11 -24.80
C PRO A 233 -16.62 -3.16 -23.49
N THR A 234 -16.80 -4.30 -22.79
CA THR A 234 -16.09 -4.56 -21.56
C THR A 234 -14.72 -5.12 -21.90
N ALA A 235 -13.68 -4.48 -21.38
CA ALA A 235 -12.31 -4.92 -21.65
C ALA A 235 -12.05 -6.30 -21.07
N ASN A 236 -11.31 -7.12 -21.81
CA ASN A 236 -10.88 -8.40 -21.28
C ASN A 236 -9.77 -8.20 -20.27
N GLY A 237 -9.50 -9.25 -19.49
CA GLY A 237 -8.36 -9.27 -18.60
C GLY A 237 -8.77 -9.66 -17.22
N ILE A 238 -7.86 -9.41 -16.25
CA ILE A 238 -8.06 -9.78 -14.86
C ILE A 238 -8.40 -8.50 -14.09
N TYR A 239 -9.53 -8.56 -13.37
CA TYR A 239 -10.02 -7.47 -12.53
C TYR A 239 -9.95 -7.91 -11.08
N ILE A 240 -9.64 -6.96 -10.21
CA ILE A 240 -9.59 -7.20 -8.78
C ILE A 240 -10.83 -6.57 -8.16
N VAL A 241 -11.54 -7.34 -7.34
CA VAL A 241 -12.71 -6.80 -6.67
C VAL A 241 -12.31 -5.70 -5.69
N GLY A 242 -12.95 -4.56 -5.80
CA GLY A 242 -12.71 -3.44 -4.90
C GLY A 242 -13.82 -3.26 -3.90
N SER A 243 -14.41 -2.06 -3.88
N SER A 243 -14.42 -2.07 -3.88
CA SER A 243 -15.46 -1.75 -2.92
CA SER A 243 -15.46 -1.75 -2.92
C SER A 243 -16.78 -2.39 -3.33
C SER A 243 -16.79 -2.38 -3.34
N ARG A 244 -17.67 -2.57 -2.37
CA ARG A 244 -18.98 -3.19 -2.57
C ARG A 244 -20.05 -2.30 -1.96
N TYR A 245 -21.13 -2.09 -2.69
CA TYR A 245 -22.20 -1.20 -2.26
C TYR A 245 -23.53 -1.93 -2.26
N LYS A 246 -24.27 -1.84 -1.15
CA LYS A 246 -25.66 -2.27 -1.17
C LYS A 246 -26.46 -1.44 -2.16
N HIS A 247 -26.16 -0.14 -2.24
CA HIS A 247 -26.69 0.70 -3.28
C HIS A 247 -25.74 1.88 -3.43
N ILE A 248 -25.78 2.53 -4.59
CA ILE A 248 -24.88 3.64 -4.89
C ILE A 248 -25.50 4.54 -5.95
N ILE A 249 -25.52 5.85 -5.69
CA ILE A 249 -26.06 6.82 -6.63
C ILE A 249 -24.98 7.19 -7.65
N MET A 250 -25.34 7.16 -8.94
CA MET A 250 -24.42 7.51 -10.02
C MET A 250 -25.08 8.52 -10.96
N ASP A 251 -24.38 9.62 -11.24
CA ASP A 251 -24.88 10.69 -12.09
C ASP A 251 -23.82 10.98 -13.14
N SER A 252 -24.18 10.84 -14.41
CA SER A 252 -23.19 11.01 -15.48
C SER A 252 -22.72 12.45 -15.59
N SER A 253 -23.58 13.41 -15.24
CA SER A 253 -23.18 14.83 -15.30
C SER A 253 -22.03 15.13 -14.35
N THR A 254 -21.86 14.34 -13.30
CA THR A 254 -20.72 14.52 -12.42
C THR A 254 -19.39 14.47 -13.19
N TYR A 255 -19.32 13.67 -14.26
CA TYR A 255 -18.12 13.50 -15.05
C TYR A 255 -18.22 14.12 -16.43
N GLY A 256 -19.20 14.99 -16.65
CA GLY A 256 -19.27 15.80 -17.86
C GLY A 256 -20.20 15.28 -18.93
N VAL A 257 -20.88 14.17 -18.69
CA VAL A 257 -21.80 13.59 -19.67
C VAL A 257 -23.21 13.99 -19.26
N PRO A 258 -23.92 14.81 -20.04
CA PRO A 258 -25.29 15.18 -19.68
C PRO A 258 -26.13 13.95 -19.39
N VAL A 259 -27.07 14.10 -18.46
CA VAL A 259 -27.95 12.98 -18.10
C VAL A 259 -28.88 12.65 -19.26
N ASN A 260 -29.32 13.66 -20.02
CA ASN A 260 -30.26 13.48 -21.12
C ASN A 260 -29.57 13.24 -22.46
N SER A 261 -28.38 12.67 -22.45
CA SER A 261 -27.65 12.26 -23.63
C SER A 261 -27.75 10.76 -23.79
N PRO A 262 -27.40 10.23 -24.97
CA PRO A 262 -27.45 8.77 -25.17
C PRO A 262 -26.67 7.98 -24.13
N ASN A 263 -25.52 8.50 -23.69
CA ASN A 263 -24.69 7.80 -22.71
C ASN A 263 -24.87 8.33 -21.29
N GLY A 264 -25.93 9.10 -21.06
CA GLY A 264 -26.19 9.66 -19.76
C GLY A 264 -26.98 8.72 -18.87
N TYR A 265 -26.91 8.98 -17.56
CA TYR A 265 -27.60 8.15 -16.58
C TYR A 265 -27.67 8.92 -15.27
N ARG A 266 -28.72 8.61 -14.49
CA ARG A 266 -28.86 9.18 -13.15
C ARG A 266 -29.77 8.23 -12.37
N THR A 267 -29.16 7.33 -11.60
CA THR A 267 -29.93 6.27 -10.97
C THR A 267 -29.26 5.82 -9.68
N ASP A 268 -30.06 5.21 -8.82
CA ASP A 268 -29.59 4.58 -7.60
C ASP A 268 -29.46 3.09 -7.88
N VAL A 269 -28.20 2.60 -7.96
CA VAL A 269 -27.92 1.24 -8.43
C VAL A 269 -27.81 0.31 -7.22
N ASP A 270 -28.38 -0.89 -7.33
CA ASP A 270 -28.41 -1.85 -6.25
C ASP A 270 -27.32 -2.91 -6.43
N TRP A 271 -26.73 -3.33 -5.32
CA TRP A 271 -25.78 -4.44 -5.26
C TRP A 271 -24.69 -4.27 -6.33
N ALA A 272 -23.94 -3.19 -6.17
CA ALA A 272 -22.90 -2.83 -7.12
C ALA A 272 -21.54 -3.19 -6.54
N THR A 273 -20.80 -4.03 -7.25
CA THR A 273 -19.42 -4.39 -6.86
C THR A 273 -18.43 -3.82 -7.85
N GLN A 274 -17.54 -2.96 -7.37
CA GLN A 274 -16.54 -2.35 -8.21
C GLN A 274 -15.46 -3.37 -8.55
N ILE A 275 -15.10 -3.44 -9.83
CA ILE A 275 -13.96 -4.26 -10.24
C ILE A 275 -12.95 -3.51 -11.08
N SER A 276 -13.15 -2.21 -11.32
CA SER A 276 -12.12 -1.37 -11.93
C SER A 276 -12.33 0.10 -11.56
N TYR A 277 -11.21 0.83 -11.47
CA TYR A 277 -11.29 2.27 -11.25
C TYR A 277 -11.97 2.93 -12.43
N SER A 278 -11.81 2.37 -13.63
CA SER A 278 -12.40 2.96 -14.83
C SER A 278 -13.92 2.94 -14.83
N GLY A 279 -14.54 2.19 -13.92
CA GLY A 279 -15.97 2.21 -13.74
C GLY A 279 -16.70 0.94 -14.04
N VAL A 280 -16.02 -0.19 -14.13
CA VAL A 280 -16.69 -1.45 -14.42
C VAL A 280 -17.21 -2.00 -13.09
N PHE A 281 -18.50 -2.26 -13.04
CA PHE A 281 -19.16 -2.82 -11.87
C PHE A 281 -19.91 -4.08 -12.25
N VAL A 282 -20.04 -4.99 -11.30
CA VAL A 282 -21.09 -6.00 -11.31
C VAL A 282 -22.25 -5.42 -10.50
N HIS A 283 -23.44 -5.37 -11.09
CA HIS A 283 -24.57 -4.78 -10.39
C HIS A 283 -25.91 -5.33 -10.90
N SER A 284 -26.96 -4.98 -10.17
CA SER A 284 -28.30 -5.43 -10.51
C SER A 284 -28.83 -4.63 -11.70
N ALA A 285 -29.32 -5.33 -12.72
CA ALA A 285 -29.89 -4.70 -13.91
C ALA A 285 -31.21 -5.37 -14.22
N PRO A 286 -32.27 -5.03 -13.47
CA PRO A 286 -33.58 -5.66 -13.74
C PRO A 286 -34.12 -5.35 -15.11
N TRP A 287 -33.72 -4.22 -15.70
CA TRP A 287 -34.26 -3.83 -17.00
C TRP A 287 -33.73 -4.70 -18.13
N SER A 288 -32.56 -5.34 -17.92
CA SER A 288 -31.92 -6.12 -18.97
C SER A 288 -31.95 -7.62 -18.69
N VAL A 289 -32.89 -8.09 -17.85
CA VAL A 289 -32.91 -9.51 -17.49
C VAL A 289 -33.02 -10.39 -18.72
N GLY A 290 -33.82 -9.97 -19.70
CA GLY A 290 -34.00 -10.80 -20.89
C GLY A 290 -32.72 -10.96 -21.69
N ALA A 291 -31.95 -9.88 -21.84
CA ALA A 291 -30.72 -9.94 -22.63
C ALA A 291 -29.59 -10.64 -21.90
N GLN A 292 -29.61 -10.66 -20.57
CA GLN A 292 -28.57 -11.33 -19.82
C GLN A 292 -28.42 -12.79 -20.26
N GLY A 293 -27.21 -13.14 -20.65
CA GLY A 293 -26.91 -14.44 -21.18
C GLY A 293 -27.11 -14.57 -22.67
N HIS A 294 -27.43 -13.48 -23.36
CA HIS A 294 -27.74 -13.54 -24.78
C HIS A 294 -27.09 -12.42 -25.57
N THR A 295 -27.25 -11.18 -25.11
CA THR A 295 -26.73 -10.03 -25.82
C THR A 295 -26.15 -9.03 -24.82
N ASN A 296 -25.24 -8.20 -25.32
CA ASN A 296 -24.56 -7.19 -24.51
C ASN A 296 -25.24 -5.86 -24.72
N THR A 297 -25.54 -5.17 -23.61
CA THR A 297 -26.33 -3.95 -23.65
C THR A 297 -25.81 -2.84 -22.77
N SER A 298 -24.75 -3.05 -22.01
CA SER A 298 -24.35 -2.05 -21.04
C SER A 298 -23.30 -1.09 -21.61
N HIS A 299 -22.73 -0.20 -20.77
CA HIS A 299 -21.61 0.69 -21.14
C HIS A 299 -20.25 0.07 -20.76
N GLY A 300 -20.19 -1.19 -20.31
CA GLY A 300 -18.98 -1.89 -19.85
C GLY A 300 -19.21 -2.69 -18.59
N CYS A 301 -20.25 -2.38 -17.81
CA CYS A 301 -20.53 -3.12 -16.62
C CYS A 301 -21.00 -4.53 -16.89
N LEU A 302 -20.71 -5.39 -15.93
CA LEU A 302 -21.35 -6.77 -16.11
C LEU A 302 -22.74 -6.74 -15.46
N ASN A 303 -23.79 -6.54 -16.25
CA ASN A 303 -25.18 -6.53 -15.76
C ASN A 303 -25.59 -7.95 -15.40
N VAL A 304 -26.21 -8.18 -14.24
CA VAL A 304 -26.73 -9.51 -13.86
C VAL A 304 -28.10 -9.27 -13.19
N SER A 305 -28.81 -10.34 -12.82
CA SER A 305 -30.13 -10.23 -12.21
C SER A 305 -30.03 -9.65 -10.81
N PRO A 306 -31.13 -9.10 -10.28
CA PRO A 306 -31.07 -8.58 -8.90
C PRO A 306 -30.62 -9.64 -7.91
N SER A 307 -31.15 -10.88 -7.98
CA SER A 307 -30.79 -11.88 -6.99
C SER A 307 -29.34 -12.31 -7.16
N ASN A 308 -28.87 -12.34 -8.40
CA ASN A 308 -27.48 -12.71 -8.64
C ASN A 308 -26.54 -11.60 -8.24
N ALA A 309 -26.92 -10.34 -8.48
CA ALA A 309 -26.08 -9.23 -8.05
C ALA A 309 -25.95 -9.23 -6.54
N GLN A 310 -27.05 -9.48 -5.82
CA GLN A 310 -26.94 -9.57 -4.37
C GLN A 310 -26.07 -10.76 -3.95
N TRP A 311 -26.25 -11.90 -4.64
CA TRP A 311 -25.43 -13.08 -4.39
C TRP A 311 -23.96 -12.74 -4.53
N PHE A 312 -23.61 -12.05 -5.63
CA PHE A 312 -22.22 -11.65 -5.85
C PHE A 312 -21.76 -10.73 -4.74
N TYR A 313 -22.54 -9.70 -4.43
CA TYR A 313 -22.19 -8.82 -3.32
C TYR A 313 -21.93 -9.60 -2.04
N ASP A 314 -22.77 -10.60 -1.74
CA ASP A 314 -22.66 -11.32 -0.48
C ASP A 314 -21.49 -12.29 -0.45
N HIS A 315 -21.08 -12.79 -1.61
CA HIS A 315 -20.13 -13.91 -1.65
C HIS A 315 -18.74 -13.53 -2.13
N VAL A 316 -18.51 -12.27 -2.51
CA VAL A 316 -17.19 -11.84 -2.93
C VAL A 316 -16.67 -10.82 -1.91
N LYS A 317 -15.34 -10.73 -1.85
CA LYS A 317 -14.66 -9.82 -0.94
C LYS A 317 -13.58 -9.07 -1.69
N ARG A 318 -13.12 -7.99 -1.07
N ARG A 318 -13.13 -7.99 -1.08
CA ARG A 318 -12.01 -7.22 -1.64
CA ARG A 318 -12.03 -7.22 -1.64
C ARG A 318 -10.85 -8.16 -1.93
C ARG A 318 -10.85 -8.15 -1.93
N GLY A 319 -10.38 -8.12 -3.18
CA GLY A 319 -9.25 -8.91 -3.61
C GLY A 319 -9.60 -10.19 -4.34
N ASP A 320 -10.87 -10.58 -4.35
CA ASP A 320 -11.28 -11.67 -5.24
C ASP A 320 -11.08 -11.23 -6.67
N ILE A 321 -11.15 -12.19 -7.59
CA ILE A 321 -10.78 -11.97 -8.98
C ILE A 321 -12.01 -12.12 -9.86
N VAL A 322 -12.15 -11.20 -10.82
CA VAL A 322 -13.07 -11.32 -11.94
C VAL A 322 -12.26 -11.28 -13.23
N GLU A 323 -12.36 -12.33 -14.04
CA GLU A 323 -11.62 -12.42 -15.30
C GLU A 323 -12.61 -12.38 -16.46
N VAL A 324 -12.42 -11.43 -17.35
CA VAL A 324 -13.27 -11.26 -18.52
C VAL A 324 -12.50 -11.77 -19.72
N VAL A 325 -13.16 -12.55 -20.58
CA VAL A 325 -12.51 -13.12 -21.75
C VAL A 325 -13.46 -13.08 -22.94
N ASN A 326 -12.86 -12.99 -24.12
CA ASN A 326 -13.51 -13.17 -25.41
C ASN A 326 -14.43 -12.02 -25.79
N THR A 327 -14.29 -10.87 -25.14
CA THR A 327 -15.08 -9.72 -25.58
C THR A 327 -14.44 -9.11 -26.82
N VAL A 328 -15.20 -8.26 -27.51
CA VAL A 328 -14.67 -7.56 -28.67
C VAL A 328 -13.78 -6.39 -28.27
N GLY A 329 -13.65 -6.10 -26.98
CA GLY A 329 -12.81 -5.02 -26.51
C GLY A 329 -11.34 -5.41 -26.36
N GLY A 330 -10.57 -4.45 -25.86
CA GLY A 330 -9.16 -4.69 -25.60
C GLY A 330 -8.93 -5.33 -24.24
N THR A 331 -7.78 -5.02 -23.64
CA THR A 331 -7.38 -5.56 -22.35
C THR A 331 -7.36 -4.42 -21.35
N LEU A 332 -7.79 -4.70 -20.14
CA LEU A 332 -7.85 -3.71 -19.09
C LEU A 332 -6.45 -3.17 -18.82
N PRO A 333 -6.27 -1.86 -18.71
CA PRO A 333 -4.92 -1.32 -18.46
C PRO A 333 -4.36 -1.83 -17.13
N GLY A 334 -3.08 -2.18 -17.15
CA GLY A 334 -2.44 -2.65 -15.92
C GLY A 334 -2.37 -1.62 -14.83
N ILE A 335 -2.40 -0.34 -15.18
CA ILE A 335 -2.37 0.73 -14.20
C ILE A 335 -3.75 1.31 -13.93
N ASP A 336 -4.81 0.57 -14.28
CA ASP A 336 -6.15 1.06 -13.97
C ASP A 336 -6.29 1.47 -12.52
N GLY A 337 -5.80 0.62 -11.61
CA GLY A 337 -6.00 0.76 -10.19
C GLY A 337 -6.44 -0.58 -9.61
N LEU A 338 -7.17 -1.38 -10.40
CA LEU A 338 -7.53 -2.75 -10.04
C LEU A 338 -7.15 -3.73 -11.14
N GLY A 339 -6.28 -3.32 -12.06
CA GLY A 339 -5.86 -4.15 -13.17
C GLY A 339 -4.43 -4.63 -13.07
N ASP A 340 -3.87 -4.62 -11.86
CA ASP A 340 -2.46 -4.94 -11.65
C ASP A 340 -2.01 -6.24 -12.35
N TRP A 341 -2.86 -7.25 -12.33
CA TRP A 341 -2.44 -8.56 -12.79
C TRP A 341 -2.29 -8.66 -14.30
N ASN A 342 -2.64 -7.60 -15.05
CA ASN A 342 -2.55 -7.64 -16.50
C ASN A 342 -1.18 -7.24 -16.99
N ILE A 343 -0.28 -6.82 -16.09
CA ILE A 343 1.10 -6.52 -16.43
C ILE A 343 1.89 -7.83 -16.36
N PRO A 344 2.58 -8.23 -17.42
CA PRO A 344 3.42 -9.45 -17.34
C PRO A 344 4.43 -9.35 -16.21
N TRP A 345 4.68 -10.48 -15.56
CA TRP A 345 5.57 -10.47 -14.39
C TRP A 345 6.93 -9.85 -14.70
N ASP A 346 7.50 -10.17 -15.88
CA ASP A 346 8.83 -9.64 -16.17
C ASP A 346 8.82 -8.11 -16.18
N GLN A 347 7.75 -7.50 -16.70
CA GLN A 347 7.63 -6.05 -16.66
C GLN A 347 7.39 -5.57 -15.23
N TRP A 348 6.49 -6.22 -14.51
CA TRP A 348 6.20 -5.79 -13.14
C TRP A 348 7.45 -5.90 -12.26
N ARG A 349 8.08 -7.07 -12.28
CA ARG A 349 9.33 -7.27 -11.56
C ARG A 349 10.37 -6.20 -11.90
N ALA A 350 10.58 -5.95 -13.19
CA ALA A 350 11.54 -4.92 -13.58
C ALA A 350 11.22 -3.59 -12.94
N GLY A 351 9.95 -3.30 -12.78
CA GLY A 351 9.56 -2.09 -12.08
C GLY A 351 9.67 -0.85 -12.91
N ASN A 352 9.42 0.33 -12.32
CA ASN A 352 9.53 1.64 -12.99
C ASN A 352 10.01 2.68 -11.97
N ALA A 353 10.94 2.30 -11.10
CA ALA A 353 11.49 3.16 -10.04
C ALA A 353 12.25 4.34 -10.65
N LYS A 354 12.96 4.11 -11.75
CA LYS A 354 13.78 5.15 -12.44
C LYS A 354 13.14 5.50 -13.80
S DMS B . -5.40 -1.57 -3.61
O DMS B . -5.98 -0.34 -2.98
C1 DMS B . -6.61 -2.35 -4.72
C2 DMS B . -5.22 -2.90 -2.38
C1 GOL C . 1.73 9.05 -13.53
O1 GOL C . 2.93 9.33 -14.25
C2 GOL C . 0.58 10.00 -13.71
O2 GOL C . -0.67 9.30 -13.66
C3 GOL C . 0.50 11.05 -12.64
O3 GOL C . 0.83 10.49 -11.37
C1 EDO D . 13.52 23.57 30.28
O1 EDO D . 13.70 23.91 28.90
C2 EDO D . 12.94 22.16 30.39
O2 EDO D . 13.75 21.25 29.63
C10 KTI E . -21.89 1.50 -15.16
C13 KTI E . -23.77 3.74 -14.61
C15 KTI E . -25.42 1.97 -14.03
C17 KTI E . -26.62 1.32 -14.20
C20 KTI E . -25.97 3.48 -15.79
C24 KTI E . -25.45 0.00 -17.63
C26 KTI E . -27.36 -1.02 -18.35
C02 KTI E . -22.99 0.10 -16.92
C03 KTI E . -22.08 0.33 -15.73
C14 KTI E . -25.11 3.04 -14.82
C18 KTI E . -27.49 1.77 -15.16
C19 KTI E . -27.17 2.84 -15.96
C27 KTI E . -27.44 -0.20 -19.44
C29 KTI E . -28.87 -1.67 -20.54
C30 KTI E . -26.50 0.78 -19.62
C31 KTI E . -25.49 0.90 -18.68
N23 KTI E . -24.39 0.14 -16.65
N25 KTI E . -26.38 -0.90 -17.50
O01 KTI E . -22.56 -0.11 -17.99
O12 KTI E . -22.94 2.95 -17.08
O21 KTI E . -21.45 3.94 -15.84
O28 KTI E . -28.48 -0.35 -20.34
S11 KTI E . -22.54 3.05 -15.73
CL16 KTI E . -24.27 1.44 -12.80
CL22 KTI E . -20.85 1.66 -13.76
NA NA F . 18.22 24.09 14.45
CL CL G . -17.75 1.67 -17.44
CL CL H . -18.87 4.88 -12.31
#